data_7R9W
#
_entry.id   7R9W
#
_cell.length_a   94.761
_cell.length_b   94.761
_cell.length_c   32.810
_cell.angle_alpha   90.00
_cell.angle_beta   90.00
_cell.angle_gamma   90.00
#
_symmetry.space_group_name_H-M   'I 41'
#
loop_
_entity.id
_entity.type
_entity.pdbx_description
1 polymer 'Microtubule-associated proteins 1A/1B light chain 3A'
2 non-polymer '4-phenoxybenzoic acid'
3 non-polymer GLYCEROL
4 water water
#
_entity_poly.entity_id   1
_entity_poly.type   'polypeptide(L)'
_entity_poly.pdbx_seq_one_letter_code
;GSMPSDRPFKQRRSFADRCKEVQQIRDQHPSKIPVIIERYKGEKQLPVLDKTKFLVPDHVNMSELVKIIRRRLQLNPTQA
FFLLVNQHSMVSVSTPIADIYEQEKDEDGFLYMVYASQETFG
;
_entity_poly.pdbx_strand_id   A
#
loop_
_chem_comp.id
_chem_comp.type
_chem_comp.name
_chem_comp.formula
GOL non-polymer GLYCEROL 'C3 H8 O3'
JO4 non-polymer '4-phenoxybenzoic acid' 'C13 H10 O3'
#
# COMPACT_ATOMS: atom_id res chain seq x y z
N ASP A 6 15.63 -6.23 -1.20
CA ASP A 6 14.53 -7.16 -0.99
C ASP A 6 14.00 -7.07 0.43
N ARG A 7 14.72 -6.35 1.24
CA ARG A 7 14.33 -6.14 2.60
C ARG A 7 13.20 -5.14 2.59
N PRO A 8 12.50 -5.05 3.77
CA PRO A 8 11.44 -4.05 3.80
C PRO A 8 11.94 -2.62 3.56
N PHE A 9 11.07 -1.79 3.03
CA PHE A 9 11.41 -0.43 2.73
C PHE A 9 12.07 0.33 3.87
N LYS A 10 11.55 0.20 5.06
CA LYS A 10 12.11 0.94 6.17
C LYS A 10 13.53 0.47 6.52
N GLN A 11 13.97 -0.69 6.05
CA GLN A 11 15.34 -1.08 6.29
C GLN A 11 16.29 -0.57 5.22
N ARG A 12 15.77 -0.10 4.09
CA ARG A 12 16.60 0.42 3.00
C ARG A 12 16.73 1.94 2.99
N ARG A 13 15.82 2.66 3.62
CA ARG A 13 15.88 4.11 3.68
C ARG A 13 15.78 4.58 5.12
N SER A 14 16.63 5.55 5.47
CA SER A 14 16.58 6.14 6.80
C SER A 14 15.28 6.92 6.98
N PHE A 15 14.91 7.13 8.24
CA PHE A 15 13.73 7.92 8.54
C PHE A 15 13.80 9.30 7.91
N ALA A 16 14.97 9.95 8.02
CA ALA A 16 15.11 11.27 7.42
C ALA A 16 14.88 11.21 5.92
N ASP A 17 15.43 10.19 5.26
CA ASP A 17 15.30 10.09 3.81
C ASP A 17 13.87 9.78 3.40
N ARG A 18 13.15 9.01 4.21
CA ARG A 18 11.75 8.71 3.93
C ARG A 18 10.89 9.95 4.05
N CYS A 19 11.15 10.77 5.08
CA CYS A 19 10.44 12.04 5.22
C CYS A 19 10.70 12.94 4.04
N LYS A 20 11.95 13.01 3.60
CA LYS A 20 12.32 13.84 2.48
C LYS A 20 11.62 13.44 1.21
N GLU A 21 11.49 12.16 1.02
CA GLU A 21 10.82 11.63 -0.14
C GLU A 21 9.35 12.04 -0.18
N VAL A 22 8.69 11.94 0.95
CA VAL A 22 7.29 12.32 1.02
C VAL A 22 7.15 13.80 0.76
N GLN A 23 8.05 14.59 1.28
CA GLN A 23 7.99 16.03 1.04
C GLN A 23 8.18 16.36 -0.42
N GLN A 24 9.12 15.66 -1.07
CA GLN A 24 9.29 15.81 -2.51
C GLN A 24 8.03 15.44 -3.26
N ILE A 25 7.39 14.32 -2.88
CA ILE A 25 6.16 13.90 -3.54
C ILE A 25 5.05 14.93 -3.34
N ARG A 26 5.02 15.59 -2.16
CA ARG A 26 4.03 16.64 -1.95
C ARG A 26 4.23 17.79 -2.92
N ASP A 27 5.47 18.04 -3.29
CA ASP A 27 5.77 19.11 -4.21
C ASP A 27 5.55 18.73 -5.63
N GLN A 28 5.95 17.54 -6.01
CA GLN A 28 5.81 17.13 -7.35
C GLN A 28 4.52 16.50 -7.78
N HIS A 29 3.80 15.87 -6.87
CA HIS A 29 2.56 15.21 -7.16
C HIS A 29 1.62 15.46 -6.01
N PRO A 30 1.22 16.78 -5.90
CA PRO A 30 0.36 17.08 -4.75
C PRO A 30 -0.94 16.32 -4.63
N SER A 31 -1.50 15.80 -5.69
CA SER A 31 -2.76 15.11 -5.54
C SER A 31 -2.65 13.63 -5.33
N LYS A 32 -1.45 13.13 -5.14
N LYS A 32 -1.46 13.10 -5.12
CA LYS A 32 -1.24 11.70 -4.94
CA LYS A 32 -1.25 11.70 -4.94
C LYS A 32 -0.86 11.34 -3.53
C LYS A 32 -0.94 11.37 -3.50
N ILE A 33 -1.21 10.14 -3.13
CA ILE A 33 -0.88 9.65 -1.83
C ILE A 33 0.31 8.71 -1.97
N PRO A 34 1.36 8.90 -1.19
CA PRO A 34 2.54 8.03 -1.32
C PRO A 34 2.33 6.76 -0.51
N VAL A 35 2.39 5.61 -1.18
N VAL A 35 2.34 5.62 -1.18
CA VAL A 35 2.00 4.34 -0.60
CA VAL A 35 2.04 4.37 -0.50
C VAL A 35 3.15 3.34 -0.71
C VAL A 35 3.18 3.39 -0.68
N ILE A 36 3.34 2.53 0.32
CA ILE A 36 4.30 1.45 0.32
C ILE A 36 3.49 0.18 0.51
N ILE A 37 3.60 -0.75 -0.43
CA ILE A 37 2.79 -1.97 -0.43
C ILE A 37 3.74 -3.15 -0.41
N GLU A 38 3.69 -3.94 0.65
CA GLU A 38 4.68 -5.00 0.85
C GLU A 38 4.01 -6.33 1.12
N ARG A 39 4.69 -7.40 0.70
CA ARG A 39 4.14 -8.74 0.93
C ARG A 39 4.38 -9.15 2.38
N TYR A 40 3.34 -9.70 3.01
CA TYR A 40 3.44 -10.16 4.40
C TYR A 40 4.69 -11.01 4.60
N LYS A 41 5.37 -10.81 5.70
CA LYS A 41 6.58 -11.54 6.02
C LYS A 41 6.51 -13.05 5.82
N GLY A 42 5.44 -13.66 6.27
CA GLY A 42 5.32 -15.10 6.15
C GLY A 42 4.55 -15.63 4.98
N GLU A 43 4.20 -14.78 4.04
CA GLU A 43 3.42 -15.20 2.90
C GLU A 43 4.08 -16.28 2.08
N LYS A 44 3.32 -17.30 1.76
CA LYS A 44 3.84 -18.39 0.96
C LYS A 44 3.16 -18.59 -0.40
N GLN A 45 1.88 -18.26 -0.50
CA GLN A 45 1.18 -18.45 -1.74
C GLN A 45 1.28 -17.36 -2.79
N LEU A 46 1.07 -16.11 -2.41
CA LEU A 46 1.04 -14.99 -3.33
C LEU A 46 2.45 -14.58 -3.77
N PRO A 47 2.60 -14.14 -5.02
CA PRO A 47 3.91 -13.66 -5.48
C PRO A 47 4.23 -12.28 -4.92
N VAL A 48 5.44 -11.84 -5.20
CA VAL A 48 5.87 -10.49 -4.84
C VAL A 48 5.41 -9.52 -5.92
N LEU A 49 5.05 -8.32 -5.51
CA LEU A 49 4.83 -7.25 -6.48
C LEU A 49 6.15 -6.84 -7.13
N ASP A 50 6.05 -6.32 -8.32
CA ASP A 50 7.21 -5.84 -9.05
C ASP A 50 7.90 -4.63 -8.42
N LYS A 51 7.15 -3.87 -7.64
CA LYS A 51 7.68 -2.71 -6.94
C LYS A 51 6.89 -2.47 -5.67
N THR A 52 7.39 -1.63 -4.81
CA THR A 52 6.77 -1.38 -3.54
C THR A 52 6.19 -0.01 -3.32
N LYS A 53 6.72 0.99 -3.98
CA LYS A 53 6.27 2.35 -3.83
C LYS A 53 5.36 2.78 -4.95
N PHE A 54 4.22 3.33 -4.60
CA PHE A 54 3.25 3.75 -5.55
C PHE A 54 2.68 5.11 -5.19
N LEU A 55 2.30 5.88 -6.20
CA LEU A 55 1.69 7.18 -6.02
C LEU A 55 0.24 7.04 -6.43
N VAL A 56 -0.65 7.09 -5.46
CA VAL A 56 -2.03 6.87 -5.73
C VAL A 56 -2.87 8.11 -5.76
N PRO A 57 -3.57 8.31 -6.93
CA PRO A 57 -4.45 9.50 -6.95
C PRO A 57 -5.37 9.46 -5.74
N ASP A 58 -5.50 10.56 -5.05
CA ASP A 58 -6.25 10.60 -3.82
C ASP A 58 -7.73 10.31 -3.81
N HIS A 59 -8.34 10.15 -4.95
CA HIS A 59 -9.74 9.84 -5.04
C HIS A 59 -10.01 8.35 -5.15
N VAL A 60 -8.98 7.56 -5.31
CA VAL A 60 -9.18 6.11 -5.50
C VAL A 60 -9.68 5.49 -4.20
N ASN A 61 -10.75 4.68 -4.30
CA ASN A 61 -11.27 3.93 -3.17
C ASN A 61 -10.34 2.78 -2.79
N MET A 62 -10.25 2.50 -1.49
CA MET A 62 -9.42 1.38 -1.04
C MET A 62 -9.90 0.07 -1.65
N SER A 63 -11.21 -0.06 -1.87
CA SER A 63 -11.73 -1.29 -2.44
C SER A 63 -11.35 -1.42 -3.92
N GLU A 64 -11.22 -0.31 -4.63
CA GLU A 64 -10.71 -0.36 -6.00
C GLU A 64 -9.22 -0.66 -6.00
N LEU A 65 -8.48 -0.10 -5.05
CA LEU A 65 -7.07 -0.42 -4.94
C LEU A 65 -6.87 -1.93 -4.76
N VAL A 66 -7.74 -2.59 -3.99
CA VAL A 66 -7.64 -4.04 -3.86
C VAL A 66 -7.74 -4.70 -5.22
N LYS A 67 -8.73 -4.31 -6.01
CA LYS A 67 -8.91 -4.96 -7.31
C LYS A 67 -7.74 -4.65 -8.23
N ILE A 68 -7.19 -3.46 -8.15
CA ILE A 68 -6.04 -3.10 -8.95
C ILE A 68 -4.84 -3.95 -8.59
N ILE A 69 -4.58 -4.15 -7.29
CA ILE A 69 -3.42 -4.95 -6.90
C ILE A 69 -3.62 -6.40 -7.30
N ARG A 70 -4.84 -6.91 -7.17
CA ARG A 70 -5.13 -8.26 -7.63
C ARG A 70 -4.74 -8.42 -9.09
N ARG A 71 -5.13 -7.45 -9.92
CA ARG A 71 -4.78 -7.55 -11.34
C ARG A 71 -3.28 -7.49 -11.54
N ARG A 72 -2.59 -6.66 -10.76
CA ARG A 72 -1.16 -6.52 -10.95
C ARG A 72 -0.41 -7.79 -10.55
N LEU A 73 -0.95 -8.57 -9.61
CA LEU A 73 -0.39 -9.87 -9.23
C LEU A 73 -0.82 -10.98 -10.17
N GLN A 74 -1.75 -10.69 -11.08
CA GLN A 74 -2.27 -11.64 -12.07
C GLN A 74 -2.92 -12.85 -11.40
N LEU A 75 -3.78 -12.59 -10.43
CA LEU A 75 -4.41 -13.64 -9.64
C LEU A 75 -5.67 -14.16 -10.32
N ASN A 76 -5.90 -15.46 -10.15
CA ASN A 76 -7.15 -16.07 -10.58
C ASN A 76 -8.25 -15.72 -9.58
N PRO A 77 -9.53 -15.81 -9.99
CA PRO A 77 -10.61 -15.57 -9.03
C PRO A 77 -10.68 -16.59 -7.91
N THR A 78 -9.85 -17.63 -7.95
CA THR A 78 -9.80 -18.61 -6.87
C THR A 78 -8.76 -18.27 -5.82
N GLN A 79 -7.81 -17.39 -6.13
N GLN A 79 -7.82 -17.37 -6.14
CA GLN A 79 -6.76 -17.07 -5.17
CA GLN A 79 -6.78 -16.98 -5.21
C GLN A 79 -7.23 -15.99 -4.21
C GLN A 79 -7.32 -15.98 -4.20
N ALA A 80 -7.11 -16.25 -2.92
CA ALA A 80 -7.51 -15.31 -1.90
C ALA A 80 -6.49 -14.18 -1.80
N PHE A 81 -6.97 -13.00 -1.43
CA PHE A 81 -6.12 -11.81 -1.34
C PHE A 81 -6.69 -10.82 -0.34
N PHE A 82 -5.84 -10.38 0.60
CA PHE A 82 -6.24 -9.39 1.59
C PHE A 82 -5.20 -8.28 1.65
N LEU A 83 -5.68 -7.05 1.74
CA LEU A 83 -4.82 -5.89 1.82
C LEU A 83 -5.07 -5.21 3.16
N LEU A 84 -4.02 -5.11 3.98
CA LEU A 84 -4.16 -4.64 5.35
C LEU A 84 -3.41 -3.33 5.53
N VAL A 85 -4.05 -2.40 6.24
CA VAL A 85 -3.43 -1.14 6.62
C VAL A 85 -3.49 -1.07 8.13
N ASN A 86 -2.33 -1.15 8.78
CA ASN A 86 -2.25 -1.20 10.24
C ASN A 86 -3.20 -2.28 10.78
N GLN A 87 -3.19 -3.42 10.11
CA GLN A 87 -3.93 -4.66 10.42
C GLN A 87 -5.40 -4.64 9.99
N HIS A 88 -5.90 -3.58 9.39
CA HIS A 88 -7.29 -3.56 8.97
C HIS A 88 -7.43 -3.96 7.53
N SER A 89 -8.30 -4.91 7.25
CA SER A 89 -8.53 -5.36 5.89
C SER A 89 -9.31 -4.29 5.11
N MET A 90 -8.95 -4.12 3.84
CA MET A 90 -9.43 -3.01 3.03
C MET A 90 -10.44 -3.41 1.96
N VAL A 91 -10.80 -4.70 1.88
CA VAL A 91 -11.60 -5.17 0.75
C VAL A 91 -12.94 -4.46 0.69
N SER A 92 -13.52 -4.15 1.83
CA SER A 92 -14.81 -3.49 1.86
C SER A 92 -14.77 -2.01 2.21
N VAL A 93 -13.60 -1.41 2.24
CA VAL A 93 -13.51 -0.01 2.57
C VAL A 93 -13.61 0.82 1.31
N SER A 94 -14.82 1.22 0.93
CA SER A 94 -14.97 2.00 -0.27
C SER A 94 -14.93 3.46 0.08
N THR A 95 -13.86 3.89 0.73
CA THR A 95 -13.60 5.24 1.14
C THR A 95 -12.36 5.68 0.38
N PRO A 96 -12.31 7.00 -0.05
CA PRO A 96 -11.10 7.38 -0.80
C PRO A 96 -9.82 7.28 0.01
N ILE A 97 -8.72 6.98 -0.64
CA ILE A 97 -7.46 6.83 0.08
C ILE A 97 -7.07 8.14 0.74
N ALA A 98 -7.58 9.27 0.25
CA ALA A 98 -7.27 10.55 0.89
C ALA A 98 -7.69 10.55 2.35
N ASP A 99 -8.81 9.92 2.66
CA ASP A 99 -9.30 9.95 4.04
C ASP A 99 -8.59 8.91 4.91
N ILE A 100 -8.33 7.72 4.36
CA ILE A 100 -7.48 6.75 5.04
C ILE A 100 -6.10 7.35 5.33
N TYR A 101 -5.56 8.12 4.38
CA TYR A 101 -4.23 8.70 4.56
C TYR A 101 -4.17 9.54 5.82
N GLU A 102 -5.10 10.47 5.98
CA GLU A 102 -5.06 11.36 7.14
C GLU A 102 -5.08 10.57 8.44
N GLN A 103 -5.81 9.46 8.45
CA GLN A 103 -5.99 8.66 9.66
C GLN A 103 -4.82 7.70 9.89
N GLU A 104 -4.30 7.08 8.83
CA GLU A 104 -3.44 5.92 9.00
C GLU A 104 -1.98 6.13 8.58
N LYS A 105 -1.60 7.34 8.14
CA LYS A 105 -0.25 7.57 7.66
C LYS A 105 0.81 7.31 8.73
N ASP A 106 1.98 6.89 8.28
CA ASP A 106 3.14 6.70 9.14
C ASP A 106 3.70 8.05 9.60
N GLU A 107 4.52 8.01 10.66
CA GLU A 107 5.24 9.22 11.06
C GLU A 107 6.14 9.76 9.95
N ASP A 108 6.57 8.91 9.01
CA ASP A 108 7.39 9.40 7.91
C ASP A 108 6.57 9.96 6.74
N GLY A 109 5.24 9.88 6.80
CA GLY A 109 4.40 10.43 5.77
C GLY A 109 3.93 9.44 4.72
N PHE A 110 4.50 8.25 4.67
CA PHE A 110 4.00 7.22 3.77
C PHE A 110 2.79 6.50 4.39
N LEU A 111 1.96 5.95 3.53
CA LEU A 111 0.89 5.05 3.94
C LEU A 111 1.36 3.63 3.65
N TYR A 112 1.52 2.81 4.71
CA TYR A 112 2.06 1.48 4.55
C TYR A 112 0.93 0.45 4.48
N MET A 113 1.07 -0.52 3.58
N MET A 113 1.07 -0.51 3.59
CA MET A 113 0.11 -1.61 3.47
CA MET A 113 0.14 -1.62 3.49
C MET A 113 0.85 -2.93 3.30
C MET A 113 0.87 -2.93 3.37
N VAL A 114 0.19 -4.00 3.72
CA VAL A 114 0.72 -5.35 3.61
C VAL A 114 -0.37 -6.23 2.99
N TYR A 115 0.03 -7.12 2.08
CA TYR A 115 -0.93 -8.05 1.50
C TYR A 115 -0.54 -9.48 1.84
N ALA A 116 -1.56 -10.32 1.98
CA ALA A 116 -1.38 -11.71 2.36
C ALA A 116 -2.52 -12.54 1.80
N SER A 117 -2.32 -13.86 1.78
CA SER A 117 -3.37 -14.78 1.36
C SER A 117 -4.35 -15.12 2.47
N GLN A 118 -4.15 -14.54 3.66
CA GLN A 118 -5.03 -14.74 4.80
C GLN A 118 -5.20 -13.42 5.51
N GLU A 119 -6.33 -13.25 6.19
CA GLU A 119 -6.62 -11.99 6.88
C GLU A 119 -6.37 -12.08 8.38
N THR A 120 -5.77 -13.18 8.85
CA THR A 120 -5.48 -13.45 10.27
C THR A 120 -6.47 -12.83 11.26
C10 JO4 B . -1.02 1.16 -6.52
C13 JO4 B . -0.98 -0.40 -8.79
C15 JO4 B . -2.14 4.58 -9.52
O01 JO4 B . -5.27 6.07 -11.90
C02 JO4 B . -5.53 5.31 -10.99
O03 JO4 B . -6.82 4.96 -10.76
C04 JO4 B . -4.46 4.74 -10.16
C05 JO4 B . -4.77 3.77 -9.20
C06 JO4 B . -3.79 3.22 -8.42
C07 JO4 B . -2.47 3.61 -8.58
O08 JO4 B . -1.49 3.09 -7.82
C09 JO4 B . -1.27 1.75 -7.76
C11 JO4 B . -0.77 -0.20 -6.41
C12 JO4 B . -0.76 -0.99 -7.56
C14 JO4 B . -1.23 0.96 -8.90
C16 JO4 B . -3.12 5.14 -10.31
C1 GOL C . 1.85 4.28 -9.43
O1 GOL C . 3.01 4.81 -8.81
C2 GOL C . 2.11 3.81 -10.87
O2 GOL C . 3.19 2.90 -10.92
C3 GOL C . 0.89 3.08 -11.39
O3 GOL C . 1.23 1.72 -11.58
#